data_2A28
#
_entry.id   2A28
#
_cell.length_a   32.840
_cell.length_b   51.740
_cell.length_c   59.940
_cell.angle_alpha   90.00
_cell.angle_beta   89.98
_cell.angle_gamma   90.00
#
_symmetry.space_group_name_H-M   'P 1 21 1'
#
loop_
_entity.id
_entity.type
_entity.pdbx_description
1 polymer 'BZZ1 protein'
2 water water
#
_entity_poly.entity_id   1
_entity_poly.type   'polypeptide(L)'
_entity_poly.pdbx_seq_one_letter_code
;GAMEAIYAYEAQGDDEISIDPGDIITVIRGDDGSGWTYGECDGLKGLFPTSYCK
;
_entity_poly.pdbx_strand_id   A,B,C,D
#
# COMPACT_ATOMS: atom_id res chain seq x y z
N GLY A 1 -7.09 2.41 -7.90
CA GLY A 1 -6.68 2.50 -9.30
C GLY A 1 -5.31 3.14 -9.26
N ALA A 2 -4.69 3.12 -10.44
CA ALA A 2 -3.34 3.61 -10.55
C ALA A 2 -3.17 4.29 -11.90
N MET A 3 -2.14 5.12 -11.95
CA MET A 3 -1.68 5.83 -13.16
C MET A 3 -0.21 5.61 -13.36
N GLU A 4 0.23 5.64 -14.59
CA GLU A 4 1.65 5.48 -14.95
C GLU A 4 2.15 6.82 -15.50
N ALA A 5 3.17 7.37 -14.94
CA ALA A 5 3.78 8.61 -15.38
C ALA A 5 4.42 8.38 -16.75
N ILE A 6 4.12 9.31 -17.63
CA ILE A 6 4.76 9.27 -18.96
C ILE A 6 5.61 10.52 -19.20
N TYR A 7 5.57 11.52 -18.36
CA TYR A 7 6.40 12.74 -18.41
C TYR A 7 6.83 13.04 -16.97
N ALA A 8 7.99 13.69 -16.85
CA ALA A 8 8.53 14.11 -15.56
C ALA A 8 7.84 15.38 -15.11
N TYR A 9 7.64 15.47 -13.78
CA TYR A 9 7.20 16.70 -13.14
C TYR A 9 8.05 16.92 -11.91
N GLU A 10 8.55 18.11 -11.72
CA GLU A 10 9.28 18.53 -10.52
C GLU A 10 8.33 19.30 -9.60
N ALA A 11 8.15 18.77 -8.40
CA ALA A 11 7.23 19.43 -7.43
C ALA A 11 7.65 20.88 -7.24
N GLN A 12 6.64 21.70 -7.04
CA GLN A 12 6.78 23.11 -6.76
C GLN A 12 6.05 23.51 -5.48
N GLY A 13 6.08 22.67 -4.49
CA GLY A 13 5.31 23.10 -3.32
C GLY A 13 5.27 21.87 -2.45
N ASP A 14 4.99 22.15 -1.16
CA ASP A 14 5.05 21.08 -0.19
C ASP A 14 3.96 20.03 -0.39
N ASP A 15 2.90 20.40 -1.10
CA ASP A 15 1.79 19.50 -1.38
C ASP A 15 1.90 18.74 -2.70
N GLU A 16 2.97 18.99 -3.43
CA GLU A 16 3.18 18.32 -4.71
C GLU A 16 4.24 17.27 -4.57
N ILE A 17 4.19 16.27 -5.48
CA ILE A 17 5.26 15.28 -5.54
C ILE A 17 5.88 15.29 -6.94
N SER A 18 7.17 15.07 -6.95
CA SER A 18 7.88 14.84 -8.23
C SER A 18 7.59 13.43 -8.74
N ILE A 19 7.33 13.32 -10.04
CA ILE A 19 7.14 12.04 -10.74
C ILE A 19 8.09 12.00 -11.91
N ASP A 20 8.41 10.74 -12.27
CA ASP A 20 9.32 10.43 -13.38
C ASP A 20 8.65 9.40 -14.25
N PRO A 21 8.94 9.45 -15.55
CA PRO A 21 8.43 8.40 -16.46
C PRO A 21 8.60 7.00 -15.92
N GLY A 22 7.55 6.21 -15.96
CA GLY A 22 7.54 4.84 -15.50
C GLY A 22 7.06 4.70 -14.08
N ASP A 23 6.91 5.76 -13.31
CA ASP A 23 6.33 5.67 -11.98
C ASP A 23 4.91 5.13 -12.02
N ILE A 24 4.59 4.19 -11.17
CA ILE A 24 3.23 3.66 -11.03
C ILE A 24 2.68 4.28 -9.74
N ILE A 25 1.70 5.11 -9.91
CA ILE A 25 1.15 5.94 -8.87
C ILE A 25 -0.25 5.50 -8.47
N THR A 26 -0.46 5.12 -7.22
CA THR A 26 -1.78 4.71 -6.74
C THR A 26 -2.62 5.96 -6.51
N VAL A 27 -3.82 5.99 -7.08
CA VAL A 27 -4.68 7.15 -6.98
C VAL A 27 -5.43 7.12 -5.67
N ILE A 28 -5.34 8.24 -4.93
CA ILE A 28 -6.09 8.43 -3.70
C ILE A 28 -7.28 9.32 -3.95
N ARG A 29 -7.15 10.41 -4.68
CA ARG A 29 -8.23 11.34 -5.04
C ARG A 29 -7.99 11.70 -6.50
N GLY A 30 -8.93 11.31 -7.35
CA GLY A 30 -8.76 11.50 -8.77
C GLY A 30 -8.93 12.93 -9.13
N ASP A 31 -8.60 13.21 -10.40
CA ASP A 31 -8.74 14.57 -10.88
C ASP A 31 -10.18 15.05 -10.80
N ASP A 32 -10.34 16.20 -10.15
CA ASP A 32 -11.67 16.74 -10.01
C ASP A 32 -11.95 17.87 -10.95
N GLY A 33 -11.14 18.00 -12.00
CA GLY A 33 -11.19 19.08 -12.98
C GLY A 33 -10.06 20.09 -12.85
N SER A 34 -9.34 20.03 -11.74
CA SER A 34 -8.24 20.95 -11.50
C SER A 34 -6.99 20.66 -12.29
N GLY A 35 -6.87 19.45 -12.82
CA GLY A 35 -5.65 19.06 -13.50
C GLY A 35 -4.69 18.29 -12.62
N TRP A 36 -5.01 18.12 -11.32
CA TRP A 36 -4.14 17.45 -10.34
C TRP A 36 -4.84 16.22 -9.82
N THR A 37 -4.04 15.18 -9.63
CA THR A 37 -4.46 13.97 -8.92
C THR A 37 -3.63 13.84 -7.67
N TYR A 38 -4.26 13.39 -6.62
CA TYR A 38 -3.58 13.14 -5.34
C TYR A 38 -3.31 11.65 -5.26
N GLY A 39 -2.05 11.24 -5.09
CA GLY A 39 -1.76 9.82 -5.03
C GLY A 39 -0.42 9.55 -4.37
N GLU A 40 -0.04 8.28 -4.47
CA GLU A 40 1.16 7.83 -3.77
C GLU A 40 1.99 6.89 -4.63
N CYS A 41 3.30 7.04 -4.58
CA CYS A 41 4.21 6.16 -5.32
C CYS A 41 5.33 5.77 -4.37
N ASP A 42 5.31 4.51 -3.94
CA ASP A 42 6.30 3.97 -3.01
C ASP A 42 6.28 4.77 -1.73
N GLY A 43 5.06 5.11 -1.34
CA GLY A 43 4.86 5.88 -0.14
C GLY A 43 5.06 7.37 -0.27
N LEU A 44 5.60 7.90 -1.35
CA LEU A 44 5.70 9.34 -1.58
C LEU A 44 4.29 9.79 -2.00
N LYS A 45 3.63 10.69 -1.27
CA LYS A 45 2.23 11.09 -1.48
C LYS A 45 2.08 12.57 -1.68
N GLY A 46 1.31 12.94 -2.68
CA GLY A 46 1.02 14.31 -2.96
C GLY A 46 0.34 14.48 -4.28
N LEU A 47 0.21 15.72 -4.69
CA LEU A 47 -0.41 16.12 -5.92
C LEU A 47 0.58 16.08 -7.09
N PHE A 48 0.06 15.62 -8.23
CA PHE A 48 0.86 15.63 -9.47
C PHE A 48 -0.07 15.89 -10.64
N PRO A 49 0.46 16.34 -11.78
CA PRO A 49 -0.42 16.64 -12.90
C PRO A 49 -0.95 15.40 -13.59
N THR A 50 -2.26 15.27 -13.68
CA THR A 50 -2.91 14.12 -14.27
C THR A 50 -2.44 13.85 -15.69
N SER A 51 -2.32 14.91 -16.47
CA SER A 51 -2.01 14.87 -17.88
C SER A 51 -0.56 14.46 -18.16
N TYR A 52 0.24 14.33 -17.11
CA TYR A 52 1.58 13.74 -17.24
C TYR A 52 1.56 12.23 -17.09
N CYS A 53 0.43 11.62 -16.96
CA CYS A 53 0.26 10.22 -16.76
C CYS A 53 -0.78 9.62 -17.70
N LYS A 54 -0.85 8.31 -17.63
CA LYS A 54 -1.87 7.52 -18.31
C LYS A 54 -2.45 6.48 -17.39
N GLY B 1 6.22 1.14 -7.44
CA GLY B 1 4.79 1.28 -7.27
C GLY B 1 4.10 -0.06 -7.12
N ALA B 2 2.81 -0.06 -7.04
CA ALA B 2 1.97 -1.21 -6.89
C ALA B 2 1.89 -2.05 -8.16
N MET B 3 1.47 -3.29 -7.95
CA MET B 3 1.04 -4.16 -9.05
C MET B 3 -0.44 -3.98 -9.32
N GLU B 4 -0.91 -4.20 -10.52
CA GLU B 4 -2.30 -4.02 -10.90
C GLU B 4 -2.83 -5.31 -11.51
N ALA B 5 -3.84 -5.92 -10.92
CA ALA B 5 -4.39 -7.12 -11.44
C ALA B 5 -5.12 -6.83 -12.76
N ILE B 6 -4.90 -7.65 -13.76
CA ILE B 6 -5.61 -7.57 -15.03
C ILE B 6 -6.47 -8.78 -15.32
N TYR B 7 -6.36 -9.88 -14.59
CA TYR B 7 -7.22 -11.04 -14.67
C TYR B 7 -7.56 -11.51 -13.24
N ALA B 8 -8.70 -12.17 -13.14
CA ALA B 8 -9.18 -12.75 -11.90
C ALA B 8 -8.46 -14.06 -11.62
N TYR B 9 -8.19 -14.28 -10.34
CA TYR B 9 -7.67 -15.55 -9.84
C TYR B 9 -8.52 -15.91 -8.62
N GLU B 10 -9.01 -17.13 -8.58
CA GLU B 10 -9.70 -17.63 -7.41
C GLU B 10 -8.72 -18.48 -6.60
N ALA B 11 -8.52 -18.11 -5.33
CA ALA B 11 -7.62 -18.89 -4.48
C ALA B 11 -7.99 -20.35 -4.39
N GLN B 12 -6.94 -21.17 -4.45
CA GLN B 12 -7.11 -22.62 -4.40
C GLN B 12 -6.52 -23.22 -3.13
N GLY B 13 -5.98 -22.47 -2.21
CA GLY B 13 -5.48 -22.97 -0.92
C GLY B 13 -5.37 -21.83 0.07
N ASP B 14 -5.07 -22.19 1.31
CA ASP B 14 -5.07 -21.19 2.34
C ASP B 14 -3.97 -20.17 2.24
N ASP B 15 -2.91 -20.44 1.51
CA ASP B 15 -1.80 -19.51 1.30
C ASP B 15 -2.02 -18.60 0.11
N GLU B 16 -3.11 -18.75 -0.60
CA GLU B 16 -3.35 -17.98 -1.81
C GLU B 16 -4.40 -16.94 -1.48
N ILE B 17 -4.38 -15.87 -2.28
CA ILE B 17 -5.43 -14.86 -2.24
C ILE B 17 -6.07 -14.71 -3.60
N SER B 18 -7.39 -14.49 -3.51
CA SER B 18 -8.10 -14.21 -4.76
C SER B 18 -7.86 -12.76 -5.11
N ILE B 19 -7.71 -12.53 -6.39
CA ILE B 19 -7.56 -11.18 -6.94
C ILE B 19 -8.55 -11.03 -8.11
N ASP B 20 -8.98 -9.77 -8.29
CA ASP B 20 -9.83 -9.37 -9.40
C ASP B 20 -9.22 -8.28 -10.21
N PRO B 21 -9.54 -8.15 -11.50
CA PRO B 21 -9.06 -7.02 -12.29
C PRO B 21 -9.32 -5.73 -11.58
N GLY B 22 -8.33 -4.87 -11.63
CA GLY B 22 -8.31 -3.58 -10.99
C GLY B 22 -7.77 -3.55 -9.59
N ASP B 23 -7.48 -4.66 -8.97
CA ASP B 23 -6.88 -4.72 -7.65
C ASP B 23 -5.53 -4.10 -7.75
N ILE B 24 -5.20 -3.28 -6.76
CA ILE B 24 -3.93 -2.61 -6.60
C ILE B 24 -3.20 -3.27 -5.44
N ILE B 25 -2.15 -3.98 -5.75
CA ILE B 25 -1.53 -4.94 -4.85
C ILE B 25 -0.15 -4.45 -4.47
N THR B 26 0.16 -4.50 -3.18
CA THR B 26 1.48 -4.15 -2.67
C THR B 26 2.32 -5.42 -2.60
N VAL B 27 3.42 -5.44 -3.35
CA VAL B 27 4.24 -6.64 -3.31
C VAL B 27 5.10 -6.71 -2.04
N ILE B 28 5.17 -7.89 -1.41
CA ILE B 28 6.03 -8.14 -0.26
C ILE B 28 7.21 -8.97 -0.71
N ARG B 29 6.95 -10.10 -1.41
CA ARG B 29 8.01 -10.97 -1.88
C ARG B 29 7.73 -11.19 -3.33
N GLY B 30 8.58 -10.55 -4.18
CA GLY B 30 8.35 -10.65 -5.60
C GLY B 30 8.59 -12.04 -6.17
N ASP B 31 8.08 -12.31 -7.36
CA ASP B 31 8.15 -13.63 -7.98
C ASP B 31 9.55 -14.21 -7.87
N ASP B 32 9.61 -15.44 -7.35
CA ASP B 32 10.83 -16.15 -7.07
C ASP B 32 11.15 -17.16 -8.17
N GLY B 33 10.54 -17.02 -9.38
CA GLY B 33 10.60 -17.96 -10.42
C GLY B 33 9.46 -18.95 -10.48
N SER B 34 8.70 -19.04 -9.40
CA SER B 34 7.61 -20.02 -9.37
C SER B 34 6.39 -19.58 -10.18
N GLY B 35 6.25 -18.30 -10.47
CA GLY B 35 5.03 -17.80 -11.08
C GLY B 35 4.07 -17.15 -10.05
N TRP B 36 4.46 -17.14 -8.78
CA TRP B 36 3.65 -16.59 -7.70
C TRP B 36 4.36 -15.44 -7.03
N THR B 37 3.61 -14.41 -6.71
CA THR B 37 4.03 -13.25 -5.96
C THR B 37 3.27 -13.28 -4.61
N TYR B 38 4.00 -12.94 -3.54
CA TYR B 38 3.35 -12.75 -2.26
C TYR B 38 3.13 -11.23 -2.06
N GLY B 39 1.88 -10.85 -1.78
CA GLY B 39 1.59 -9.44 -1.65
C GLY B 39 0.29 -9.26 -0.87
N GLU B 40 -0.11 -7.98 -0.78
CA GLU B 40 -1.23 -7.57 0.02
C GLU B 40 -2.16 -6.67 -0.75
N CYS B 41 -3.44 -6.77 -0.50
CA CYS B 41 -4.46 -5.92 -1.10
C CYS B 41 -5.55 -5.66 -0.07
N ASP B 42 -5.57 -4.42 0.39
CA ASP B 42 -6.54 -3.93 1.33
C ASP B 42 -6.61 -4.87 2.52
N GLY B 43 -5.47 -5.37 2.92
CA GLY B 43 -5.42 -6.13 4.16
C GLY B 43 -5.37 -7.62 3.96
N LEU B 44 -5.73 -8.07 2.77
CA LEU B 44 -5.61 -9.53 2.50
C LEU B 44 -4.25 -9.82 1.95
N LYS B 45 -3.66 -10.91 2.42
CA LYS B 45 -2.28 -11.14 2.01
C LYS B 45 -2.09 -12.62 1.67
N GLY B 46 -1.34 -12.88 0.63
CA GLY B 46 -1.05 -14.25 0.20
C GLY B 46 -0.46 -14.26 -1.20
N LEU B 47 -0.43 -15.49 -1.73
CA LEU B 47 0.17 -15.72 -3.07
C LEU B 47 -0.88 -15.53 -4.16
N PHE B 48 -0.41 -14.99 -5.28
CA PHE B 48 -1.28 -14.85 -6.43
C PHE B 48 -0.39 -15.00 -7.65
N PRO B 49 -0.96 -15.29 -8.83
CA PRO B 49 -0.10 -15.48 -10.01
C PRO B 49 0.36 -14.15 -10.53
N THR B 50 1.70 -14.03 -10.69
CA THR B 50 2.31 -12.84 -11.15
C THR B 50 1.78 -12.43 -12.48
N SER B 51 1.63 -13.40 -13.37
CA SER B 51 1.22 -13.14 -14.74
C SER B 51 -0.22 -12.66 -14.87
N TYR B 52 -0.98 -12.61 -13.80
CA TYR B 52 -2.34 -12.11 -13.87
C TYR B 52 -2.36 -10.61 -13.59
N CYS B 53 -1.15 -10.03 -13.39
CA CYS B 53 -0.98 -8.60 -13.13
C CYS B 53 -0.14 -7.97 -14.19
N LYS B 54 -0.12 -6.64 -14.25
CA LYS B 54 0.81 -6.21 -15.32
C LYS B 54 2.24 -6.41 -14.83
N GLY C 1 -22.14 -2.20 0.06
CA GLY C 1 -22.51 -2.79 1.35
C GLY C 1 -21.89 -1.97 2.46
N ALA C 2 -22.64 -1.83 3.54
CA ALA C 2 -22.27 -0.97 4.64
C ALA C 2 -22.43 -1.72 5.97
N MET C 3 -21.69 -1.29 6.96
CA MET C 3 -21.91 -1.76 8.33
C MET C 3 -22.21 -0.56 9.23
N GLU C 4 -22.66 -0.85 10.43
CA GLU C 4 -22.89 0.22 11.39
C GLU C 4 -22.20 -0.15 12.70
N ALA C 5 -21.41 0.78 13.20
CA ALA C 5 -20.77 0.51 14.47
C ALA C 5 -21.77 0.35 15.61
N ILE C 6 -21.55 -0.57 16.54
CA ILE C 6 -22.27 -0.73 17.78
C ILE C 6 -21.43 -0.58 19.02
N TYR C 7 -20.10 -0.46 18.85
CA TYR C 7 -19.21 -0.16 19.95
C TYR C 7 -18.13 0.82 19.49
N ALA C 8 -17.48 1.54 20.36
CA ALA C 8 -16.42 2.47 20.03
C ALA C 8 -15.10 1.72 19.93
N TYR C 9 -14.30 2.13 18.95
CA TYR C 9 -12.94 1.62 18.79
C TYR C 9 -12.03 2.80 18.51
N GLU C 10 -10.92 2.87 19.20
CA GLU C 10 -9.91 3.91 18.94
C GLU C 10 -8.82 3.31 18.06
N ALA C 11 -8.56 3.89 16.89
CA ALA C 11 -7.55 3.33 16.01
C ALA C 11 -6.18 3.22 16.73
N GLN C 12 -5.47 2.16 16.42
CA GLN C 12 -4.10 1.89 16.81
C GLN C 12 -3.23 1.74 15.58
N GLY C 13 -2.88 2.87 15.01
CA GLY C 13 -2.17 2.79 13.76
C GLY C 13 -2.95 3.40 12.60
N ASP C 14 -2.11 3.76 11.63
CA ASP C 14 -2.45 4.59 10.47
C ASP C 14 -3.37 3.78 9.58
N ASP C 15 -3.19 2.46 9.65
CA ASP C 15 -3.97 1.54 8.82
C ASP C 15 -5.35 1.25 9.43
N GLU C 16 -5.75 1.81 10.55
CA GLU C 16 -7.04 1.58 11.21
C GLU C 16 -7.85 2.85 11.25
N ILE C 17 -9.15 2.70 11.38
CA ILE C 17 -10.00 3.85 11.61
C ILE C 17 -10.70 3.68 12.91
N SER C 18 -10.94 4.80 13.54
CA SER C 18 -11.69 4.93 14.76
C SER C 18 -13.18 4.95 14.40
N ILE C 19 -14.01 4.33 15.21
CA ILE C 19 -15.43 4.30 15.03
C ILE C 19 -16.13 4.51 16.38
N ASP C 20 -17.32 5.06 16.30
CA ASP C 20 -18.24 5.26 17.43
C ASP C 20 -19.57 4.62 17.13
N PRO C 21 -20.31 4.19 18.14
CA PRO C 21 -21.66 3.65 17.91
C PRO C 21 -22.47 4.58 17.01
N GLY C 22 -23.10 4.00 16.03
CA GLY C 22 -23.99 4.60 15.04
C GLY C 22 -23.25 5.04 13.80
N ASP C 23 -21.93 4.97 13.74
CA ASP C 23 -21.22 5.30 12.52
C ASP C 23 -21.57 4.32 11.41
N ILE C 24 -21.65 4.93 10.26
CA ILE C 24 -21.89 4.08 9.10
C ILE C 24 -20.62 3.84 8.33
N ILE C 25 -20.34 2.55 7.97
CA ILE C 25 -19.03 2.26 7.35
C ILE C 25 -19.27 1.53 6.05
N THR C 26 -18.71 2.14 5.00
CA THR C 26 -18.73 1.50 3.69
C THR C 26 -17.73 0.35 3.71
N VAL C 27 -18.20 -0.85 3.37
CA VAL C 27 -17.30 -2.01 3.29
C VAL C 27 -16.63 -1.99 1.94
N ILE C 28 -15.30 -2.00 1.96
CA ILE C 28 -14.48 -2.15 0.76
C ILE C 28 -13.90 -3.54 0.56
N ARG C 29 -13.41 -4.15 1.63
CA ARG C 29 -12.99 -5.56 1.60
C ARG C 29 -13.41 -6.26 2.89
N GLY C 30 -14.23 -7.30 2.77
CA GLY C 30 -14.76 -7.98 3.95
C GLY C 30 -13.69 -8.77 4.67
N ASP C 31 -13.99 -9.05 5.95
CA ASP C 31 -13.14 -9.85 6.83
C ASP C 31 -12.95 -11.27 6.27
N ASP C 32 -11.71 -11.71 6.24
CA ASP C 32 -11.26 -12.99 5.78
C ASP C 32 -10.91 -13.92 6.92
N GLY C 33 -11.18 -13.50 8.13
CA GLY C 33 -10.84 -14.37 9.24
C GLY C 33 -9.98 -13.62 10.22
N SER C 34 -9.39 -12.50 9.81
CA SER C 34 -8.49 -11.85 10.79
C SER C 34 -9.16 -11.10 11.90
N GLY C 35 -10.44 -10.81 11.74
CA GLY C 35 -11.13 -9.96 12.69
C GLY C 35 -11.33 -8.53 12.24
N TRP C 36 -10.79 -8.22 11.04
CA TRP C 36 -10.78 -6.84 10.60
C TRP C 36 -11.44 -6.73 9.22
N THR C 37 -12.20 -5.69 9.01
CA THR C 37 -12.77 -5.34 7.75
C THR C 37 -12.08 -4.08 7.23
N TYR C 38 -11.87 -3.93 5.94
CA TYR C 38 -11.39 -2.71 5.33
C TYR C 38 -12.54 -1.89 4.79
N GLY C 39 -12.67 -0.65 5.26
CA GLY C 39 -13.78 0.19 4.83
C GLY C 39 -13.52 1.65 4.98
N GLU C 40 -14.56 2.45 4.79
CA GLU C 40 -14.51 3.89 4.83
C GLU C 40 -15.65 4.43 5.70
N CYS C 41 -15.26 5.28 6.65
CA CYS C 41 -16.13 5.93 7.58
C CYS C 41 -15.82 7.43 7.53
N ASP C 42 -16.85 8.21 7.14
CA ASP C 42 -16.82 9.66 7.12
C ASP C 42 -15.56 10.13 6.39
N GLY C 43 -15.33 9.43 5.27
CA GLY C 43 -14.25 9.78 4.39
C GLY C 43 -12.88 9.27 4.72
N LEU C 44 -12.71 8.48 5.75
CA LEU C 44 -11.49 7.88 6.23
C LEU C 44 -11.52 6.39 5.96
N LYS C 45 -10.53 5.88 5.25
CA LYS C 45 -10.39 4.48 4.97
C LYS C 45 -9.38 3.82 5.92
N GLY C 46 -9.67 2.56 6.26
CA GLY C 46 -8.81 1.76 7.14
C GLY C 46 -9.53 0.50 7.62
N LEU C 47 -8.75 -0.21 8.41
CA LEU C 47 -9.22 -1.44 9.04
C LEU C 47 -9.99 -1.12 10.30
N PHE C 48 -11.04 -1.84 10.54
CA PHE C 48 -11.82 -1.72 11.77
C PHE C 48 -12.29 -3.09 12.22
N PRO C 49 -12.50 -3.26 13.51
CA PRO C 49 -12.86 -4.57 13.98
C PRO C 49 -14.31 -4.92 13.66
N THR C 50 -14.46 -6.01 12.91
CA THR C 50 -15.73 -6.42 12.38
C THR C 50 -16.80 -6.58 13.46
N SER C 51 -16.40 -7.24 14.53
CA SER C 51 -17.32 -7.60 15.61
C SER C 51 -17.77 -6.38 16.40
N TYR C 52 -17.22 -5.20 16.14
CA TYR C 52 -17.74 -3.96 16.75
C TYR C 52 -18.89 -3.34 15.93
N CYS C 53 -19.30 -4.04 14.89
CA CYS C 53 -20.28 -3.51 13.98
C CYS C 53 -21.32 -4.56 13.63
N LYS C 54 -22.40 -4.09 13.01
CA LYS C 54 -23.49 -4.89 12.48
C LYS C 54 -23.71 -4.58 11.00
N GLY D 1 21.56 2.68 -5.44
CA GLY D 1 22.28 2.87 -4.17
C GLY D 1 21.76 1.91 -3.15
N ALA D 2 22.54 1.72 -2.06
CA ALA D 2 22.24 0.75 -1.01
C ALA D 2 22.54 1.37 0.34
N MET D 3 21.89 0.82 1.34
CA MET D 3 22.23 1.15 2.72
C MET D 3 22.53 -0.12 3.47
N GLU D 4 23.17 0.03 4.59
CA GLU D 4 23.55 -1.07 5.44
C GLU D 4 22.98 -0.79 6.82
N ALA D 5 22.24 -1.77 7.34
CA ALA D 5 21.60 -1.60 8.64
C ALA D 5 22.64 -1.70 9.78
N ILE D 6 22.42 -0.87 10.75
CA ILE D 6 23.26 -0.85 11.95
C ILE D 6 22.49 -1.18 13.20
N TYR D 7 21.20 -1.26 13.17
CA TYR D 7 20.33 -1.67 14.22
C TYR D 7 19.21 -2.57 13.68
N ALA D 8 18.74 -3.43 14.57
CA ALA D 8 17.61 -4.28 14.23
C ALA D 8 16.31 -3.51 14.29
N TYR D 9 15.44 -3.74 13.31
CA TYR D 9 14.08 -3.25 13.28
C TYR D 9 13.16 -4.40 12.91
N GLU D 10 12.10 -4.53 13.67
CA GLU D 10 11.08 -5.55 13.41
C GLU D 10 9.90 -4.83 12.78
N ALA D 11 9.55 -5.25 11.57
CA ALA D 11 8.43 -4.71 10.89
C ALA D 11 7.13 -4.73 11.67
N GLN D 12 6.35 -3.67 11.50
CA GLN D 12 5.10 -3.49 12.23
C GLN D 12 3.87 -3.49 11.40
N GLY D 13 4.05 -3.70 10.11
CA GLY D 13 2.91 -3.86 9.20
C GLY D 13 3.46 -4.42 7.88
N ASP D 14 2.54 -4.76 6.97
CA ASP D 14 2.94 -5.39 5.71
C ASP D 14 3.62 -4.39 4.78
N ASP D 15 3.57 -3.10 5.10
CA ASP D 15 4.29 -2.18 4.20
C ASP D 15 5.74 -1.99 4.63
N GLU D 16 6.16 -2.66 5.71
CA GLU D 16 7.51 -2.55 6.20
C GLU D 16 8.33 -3.81 6.02
N ILE D 17 9.64 -3.66 6.03
CA ILE D 17 10.53 -4.79 6.12
C ILE D 17 11.28 -4.77 7.46
N SER D 18 11.57 -5.98 7.98
CA SER D 18 12.51 -6.17 9.09
C SER D 18 13.93 -6.14 8.54
N ILE D 19 14.81 -5.59 9.38
CA ILE D 19 16.25 -5.50 9.06
C ILE D 19 17.02 -5.90 10.31
N ASP D 20 18.21 -6.47 10.12
CA ASP D 20 19.16 -6.80 11.16
C ASP D 20 20.47 -6.12 10.88
N PRO D 21 21.31 -5.80 11.83
CA PRO D 21 22.62 -5.22 11.57
C PRO D 21 23.40 -5.98 10.51
N GLY D 22 24.01 -5.28 9.59
CA GLY D 22 24.78 -5.81 8.50
C GLY D 22 23.98 -6.14 7.25
N ASP D 23 22.69 -6.13 7.34
CA ASP D 23 21.84 -6.32 6.16
C ASP D 23 22.12 -5.20 5.16
N ILE D 24 22.12 -5.56 3.88
CA ILE D 24 22.18 -4.65 2.79
C ILE D 24 20.82 -4.44 2.18
N ILE D 25 20.40 -3.17 2.00
CA ILE D 25 19.11 -2.82 1.47
C ILE D 25 19.27 -1.95 0.25
N THR D 26 18.74 -2.45 -0.86
CA THR D 26 18.71 -1.61 -2.09
C THR D 26 17.71 -0.51 -1.90
N VAL D 27 18.11 0.73 -2.13
CA VAL D 27 17.19 1.88 -2.00
C VAL D 27 16.39 1.93 -3.29
N ILE D 28 15.09 1.95 -3.20
CA ILE D 28 14.22 2.18 -4.37
C ILE D 28 13.70 3.60 -4.34
N ARG D 29 13.27 4.09 -3.21
CA ARG D 29 12.86 5.50 -3.09
C ARG D 29 13.36 6.04 -1.76
N GLY D 30 14.20 7.06 -1.82
CA GLY D 30 14.83 7.67 -0.70
C GLY D 30 13.86 8.46 0.19
N ASP D 31 14.32 8.61 1.41
CA ASP D 31 13.48 9.24 2.43
C ASP D 31 13.02 10.63 2.02
N ASP D 32 11.71 10.87 2.20
CA ASP D 32 11.14 12.15 1.83
C ASP D 32 11.06 13.08 3.06
N GLY D 33 11.55 12.67 4.19
CA GLY D 33 11.48 13.46 5.40
C GLY D 33 10.68 12.70 6.46
N SER D 34 9.98 11.66 6.05
CA SER D 34 9.11 10.91 6.96
C SER D 34 9.92 10.06 7.93
N GLY D 35 11.17 9.77 7.65
CA GLY D 35 11.99 8.82 8.38
C GLY D 35 12.03 7.42 7.88
N TRP D 36 11.39 7.18 6.76
CA TRP D 36 11.29 5.89 6.13
C TRP D 36 11.85 5.94 4.72
N THR D 37 12.57 4.91 4.35
CA THR D 37 13.05 4.65 2.99
C THR D 37 12.35 3.43 2.42
N TYR D 38 12.01 3.46 1.14
CA TYR D 38 11.48 2.28 0.50
C TYR D 38 12.59 1.54 -0.23
N GLY D 39 12.69 0.24 0.03
CA GLY D 39 13.73 -0.54 -0.63
C GLY D 39 13.42 -2.03 -0.57
N GLU D 40 14.50 -2.74 -0.91
CA GLU D 40 14.45 -4.20 -1.01
C GLU D 40 15.59 -4.82 -0.23
N CYS D 41 15.34 -5.68 0.72
CA CYS D 41 16.38 -6.37 1.44
C CYS D 41 16.17 -7.86 1.29
N ASP D 42 17.18 -8.50 0.71
CA ASP D 42 17.13 -9.93 0.45
C ASP D 42 15.83 -10.41 -0.15
N GLY D 43 15.33 -9.73 -1.19
CA GLY D 43 14.16 -10.20 -1.90
C GLY D 43 12.83 -9.75 -1.33
N LEU D 44 12.83 -9.02 -0.21
CA LEU D 44 11.59 -8.50 0.35
C LEU D 44 11.55 -7.00 0.27
N LYS D 45 10.45 -6.45 -0.20
CA LYS D 45 10.27 -5.02 -0.42
C LYS D 45 9.42 -4.34 0.64
N GLY D 46 9.83 -3.14 1.02
CA GLY D 46 9.01 -2.35 1.96
C GLY D 46 9.75 -1.15 2.50
N LEU D 47 9.10 -0.49 3.42
CA LEU D 47 9.65 0.63 4.15
C LEU D 47 10.51 0.18 5.32
N PHE D 48 11.60 0.92 5.51
CA PHE D 48 12.46 0.66 6.67
C PHE D 48 12.90 2.03 7.25
N PRO D 49 13.22 2.04 8.55
CA PRO D 49 13.63 3.33 9.17
C PRO D 49 15.04 3.69 8.75
N THR D 50 15.13 4.84 8.10
CA THR D 50 16.40 5.29 7.55
C THR D 50 17.50 5.37 8.58
N SER D 51 17.18 5.87 9.77
CA SER D 51 18.17 6.12 10.81
C SER D 51 18.71 4.85 11.43
N TYR D 52 18.11 3.72 11.11
CA TYR D 52 18.70 2.46 11.54
C TYR D 52 19.82 1.98 10.62
N CYS D 53 20.15 2.77 9.59
CA CYS D 53 21.08 2.37 8.56
C CYS D 53 22.15 3.44 8.31
N LYS D 54 23.20 3.03 7.60
CA LYS D 54 24.20 3.95 7.11
C LYS D 54 24.39 3.74 5.62
#